data_9BLL
#
_entry.id   9BLL
#
loop_
_entity.id
_entity.type
_entity.pdbx_description
1 polymer '1301B7 Heavy Chain'
2 polymer '1301B7 Light Chain'
3 polymer 'Spike glycoprotein'
4 branched 2-acetamido-2-deoxy-beta-D-glucopyranose-(1-4)-2-acetamido-2-deoxy-beta-D-glucopyranose
5 non-polymer 2-acetamido-2-deoxy-beta-D-glucopyranose
#
loop_
_entity_poly.entity_id
_entity_poly.type
_entity_poly.pdbx_seq_one_letter_code
_entity_poly.pdbx_strand_id
1 'polypeptide(L)'
;EVQLVESGAEVKNPGSSVKVSCKASEGTFGSYPIIWVRQAPGQGLEWVGGIIPILGTVIYAQKFQGRVTITGDTYAGSAH
MELSGLRSEDTAVFYCARGSYDYGDRLLNYTYYAMDVWGPGTTVTVSS
;
H
2 'polypeptide(L)'
;QPGLTQPPSVSGAPGQRVTISCTGSRSNIGAVYAVHWYQHVPGAAPKLLIYENNNRPSGIPDRFSGSKSGTSASLVITGL
QAEDEADYLCQSYDRSVGVVFGGGTRLTVL
;
L
3 'polypeptide(L)'
;MRPTLLWSLLLLLGVFAAAAAAYTNSFTRGVYYPDKVFRSSVLHSTHDLFLPFFSNVTWFHAIHVSGTNGTKRFDNPALP
FNDGVYFASTEKSNIIRGWIFGTTLDSKTQSLLIVNNATNVVIKVCEFQFCNDPFLDVYQKNNKSWMESEFRVYSSANNC
TFEYVSQPFLMDLEGKEGNFKNLREFVFKNIDGYFKIYSKHTPINLERDLPQGFSALEPLVDLPIGINITRFQTLLALHR
SYLTPVDSSSGWTAGAAAYYVGYLQPRTFLLKYNENGTITDAVDCALDPLSETKCTLKSFTVEKGIYQTSNFRVQPTESI
VRFPNITNLCPFHEVFNATTFASVYAWNRKRISNCVADYSVIYNFAPFFAFKCYGVSPTKLNDLCFTNVYADSFVIRGNE
VSQIAPGQTGNIADYNYKLPDDFTGCVIAWNSNNLDSKPSGNYNYLYRLLRKSKLKPFERDISTEIYQAGNKPCNGVAGP
NCYSPLQSYGFRPTYGVGHQPYRVVVLSFELLHAPATVCGPKKSTNLVKNKCVNFNFNGLTGTGVLTESNKKFLPFQQFG
RDIADTTDAVRDPQTLEILDITPCSFGGVSVITPGTNTSNQVAVLYQGVNCTEVPVAIHADQLTPTWRVYSTGSNVFQTR
AGCLIGAEYVNNSYECDIPIGAGICASYQTQTKSHGSAGSVASQSIIAYTMSLGAENSVAYSNNSIAIPTNFTISVTTEI
LPVSMTKTSVDCTMYICGDSTECSNLLLQYGSFCTQLKRALTGIAVEQDKNTQEVFAQVKQIYKTPPIKYFGGFNFSQIL
PDPSKPSKRSPIEDLLFNKVTLADAGFIKQYGDCLGDIAARDLICAQKFNGLTVLPPLLTDEMIAQYTSALLAGTITSGW
TFGAGPALQIPFPMQMAYRFNGIGVTQNVLYENQKLIANQFNSAIGKIQDSLSSTPSALGKLQDVVNHNAQALNTLVKQL
SSKFGAISSVLNDILSRLDPPEAEVQIDRLITGRLQSLQTYVTQQLIRAAEIRASANLAATKMSECVLGQSKRVDFCGKG
YHLMSFPQSAPHGVVFLHVTYVPAQEKNFTTAPAICHDGKAHFPREGVFVSNGTHWFVTQRNFYEPQIITTDNTFVSGNC
DVVIGIVNNTVYDPLQPELDSFKEELDKYFKNHTSPDVDLGDISGINASVVNIQKEIDRLNEVAKNLNESLIDLQELGKY
EQYIASSGYIPEAPRDGQAYVRKDGEWVLLSTFLEGTKHHHHHH
;
T
#
# COMPACT_ATOMS: atom_id res chain seq x y z
N GLU A 1 -3.28 -10.77 -2.63
CA GLU A 1 -4.53 -10.39 -1.99
C GLU A 1 -4.35 -10.19 -0.49
N VAL A 2 -5.30 -9.49 0.12
CA VAL A 2 -5.26 -9.17 1.55
C VAL A 2 -6.59 -9.56 2.15
N GLN A 3 -6.56 -10.29 3.26
CA GLN A 3 -7.77 -10.69 3.96
C GLN A 3 -7.63 -10.35 5.44
N LEU A 4 -8.73 -9.92 6.04
CA LEU A 4 -8.74 -9.43 7.42
C LEU A 4 -9.63 -10.33 8.26
N VAL A 5 -9.04 -11.41 8.78
CA VAL A 5 -9.78 -12.29 9.68
C VAL A 5 -10.02 -11.56 11.00
N GLU A 6 -11.11 -11.91 11.66
CA GLU A 6 -11.53 -11.22 12.87
C GLU A 6 -12.53 -12.08 13.64
N SER A 7 -12.51 -11.92 14.96
CA SER A 7 -13.13 -12.87 15.87
C SER A 7 -14.65 -12.91 15.69
N GLY A 8 -15.27 -13.89 16.35
CA GLY A 8 -16.70 -14.09 16.27
C GLY A 8 -17.47 -13.14 17.18
N ALA A 9 -18.79 -13.33 17.19
CA ALA A 9 -19.70 -12.42 17.86
C ALA A 9 -19.39 -12.33 19.36
N GLU A 10 -19.87 -11.24 19.96
CA GLU A 10 -19.69 -10.98 21.38
C GLU A 10 -21.03 -10.62 22.00
N VAL A 11 -21.34 -11.23 23.14
CA VAL A 11 -22.59 -10.99 23.86
C VAL A 11 -22.26 -10.70 25.31
N LYS A 12 -22.79 -9.58 25.84
CA LYS A 12 -22.48 -9.22 27.22
C LYS A 12 -23.46 -8.14 27.70
N ASN A 13 -23.17 -7.58 28.86
CA ASN A 13 -24.09 -6.75 29.63
C ASN A 13 -23.70 -5.27 29.58
N PRO A 14 -24.61 -4.37 29.98
CA PRO A 14 -24.28 -2.94 29.96
C PRO A 14 -23.12 -2.60 30.88
N GLY A 15 -22.34 -1.61 30.47
CA GLY A 15 -21.23 -1.10 31.24
C GLY A 15 -19.94 -1.87 31.11
N SER A 16 -19.94 -2.97 30.37
CA SER A 16 -18.77 -3.83 30.26
C SER A 16 -17.92 -3.41 29.06
N SER A 17 -16.88 -4.18 28.76
CA SER A 17 -15.94 -3.86 27.71
C SER A 17 -15.73 -5.09 26.82
N VAL A 18 -15.41 -4.82 25.55
CA VAL A 18 -15.20 -5.86 24.55
C VAL A 18 -13.90 -5.58 23.82
N LYS A 19 -13.09 -6.63 23.60
CA LYS A 19 -11.86 -6.53 22.86
C LYS A 19 -11.90 -7.48 21.67
N VAL A 20 -11.64 -6.96 20.47
CA VAL A 20 -11.66 -7.74 19.25
C VAL A 20 -10.45 -7.39 18.40
N SER A 21 -9.98 -8.36 17.64
CA SER A 21 -8.78 -8.22 16.83
C SER A 21 -9.16 -8.02 15.35
N CYS A 22 -8.12 -7.82 14.55
CA CYS A 22 -8.22 -7.62 13.11
C CYS A 22 -7.18 -8.48 12.39
N LYS A 23 -7.14 -9.77 12.73
CA LYS A 23 -6.19 -10.72 12.17
C LYS A 23 -6.02 -10.51 10.67
N ALA A 24 -4.80 -10.25 10.24
CA ALA A 24 -4.50 -9.97 8.85
C ALA A 24 -3.72 -11.12 8.24
N SER A 25 -4.04 -11.45 7.00
CA SER A 25 -3.37 -12.54 6.31
C SER A 25 -1.90 -12.21 6.11
N GLU A 26 -1.07 -13.25 6.15
CA GLU A 26 0.39 -13.22 5.99
C GLU A 26 1.05 -12.19 6.89
N GLY A 27 0.31 -11.65 7.86
CA GLY A 27 0.89 -11.04 9.03
C GLY A 27 1.57 -9.69 8.88
N THR A 28 2.08 -9.37 7.69
CA THR A 28 2.84 -8.13 7.52
C THR A 28 1.85 -7.04 7.14
N PHE A 29 1.39 -6.29 8.14
CA PHE A 29 0.69 -5.07 7.83
C PHE A 29 1.55 -4.16 6.97
N GLY A 30 2.86 -4.18 7.19
CA GLY A 30 3.81 -3.56 6.28
C GLY A 30 3.55 -2.10 6.01
N SER A 31 3.27 -1.33 7.06
CA SER A 31 3.00 0.11 7.00
C SER A 31 1.64 0.42 6.40
N TYR A 32 0.78 -0.57 6.18
CA TYR A 32 -0.59 -0.29 5.82
C TYR A 32 -1.38 -0.13 7.10
N PRO A 33 -1.89 1.05 7.41
CA PRO A 33 -2.51 1.28 8.72
C PRO A 33 -4.01 1.05 8.75
N ILE A 34 -4.52 0.92 9.97
CA ILE A 34 -5.80 0.29 10.25
C ILE A 34 -6.79 1.31 10.79
N ILE A 35 -8.01 1.27 10.25
CA ILE A 35 -9.10 2.13 10.68
C ILE A 35 -10.20 1.26 11.27
N TRP A 36 -10.70 1.63 12.45
CA TRP A 36 -11.71 0.90 13.18
C TRP A 36 -13.01 1.68 13.14
N VAL A 37 -14.04 1.08 12.55
CA VAL A 37 -15.31 1.75 12.23
C VAL A 37 -16.46 0.92 12.79
N ARG A 38 -17.50 1.60 13.27
CA ARG A 38 -18.70 0.95 13.77
C ARG A 38 -19.82 0.99 12.73
N GLN A 39 -20.61 -0.08 12.70
CA GLN A 39 -21.86 -0.16 11.95
C GLN A 39 -23.01 -0.17 12.96
N ALA A 40 -23.66 0.96 13.12
CA ALA A 40 -24.81 1.05 14.02
C ALA A 40 -26.03 0.41 13.35
N PRO A 41 -26.86 -0.29 14.12
CA PRO A 41 -28.03 -0.95 13.52
C PRO A 41 -29.00 0.08 12.94
N GLY A 42 -29.48 -0.21 11.74
CA GLY A 42 -30.46 0.65 11.09
C GLY A 42 -29.96 2.04 10.77
N GLN A 43 -28.65 2.27 10.81
CA GLN A 43 -28.08 3.59 10.60
C GLN A 43 -26.84 3.48 9.72
N GLY A 44 -26.21 4.62 9.48
CA GLY A 44 -25.05 4.67 8.63
C GLY A 44 -23.79 4.18 9.30
N LEU A 45 -22.68 4.89 9.07
CA LEU A 45 -21.37 4.49 9.57
C LEU A 45 -20.79 5.59 10.42
N GLU A 46 -19.90 5.20 11.34
CA GLU A 46 -19.20 6.16 12.20
C GLU A 46 -17.79 5.65 12.43
N TRP A 47 -16.80 6.38 11.92
CA TRP A 47 -15.41 6.05 12.23
C TRP A 47 -15.19 6.20 13.72
N VAL A 48 -14.33 5.34 14.27
CA VAL A 48 -14.07 5.35 15.71
C VAL A 48 -12.60 5.60 15.99
N GLY A 49 -11.73 4.73 15.48
CA GLY A 49 -10.33 4.80 15.83
C GLY A 49 -9.44 4.66 14.60
N GLY A 50 -8.20 5.13 14.75
CA GLY A 50 -7.25 4.98 13.67
C GLY A 50 -5.83 4.83 14.16
N ILE A 51 -5.13 3.80 13.70
CA ILE A 51 -3.78 3.51 14.16
C ILE A 51 -2.89 3.25 12.95
N ILE A 52 -1.78 3.97 12.87
CA ILE A 52 -0.69 3.63 11.95
C ILE A 52 0.30 2.77 12.72
N PRO A 53 0.40 1.51 12.42
CA PRO A 53 0.99 0.58 13.38
C PRO A 53 2.50 0.67 13.52
N ILE A 54 3.24 0.85 12.42
CA ILE A 54 4.69 0.96 12.55
C ILE A 54 5.06 2.21 13.34
N LEU A 55 4.51 3.35 12.95
CA LEU A 55 4.84 4.59 13.67
C LEU A 55 4.21 4.61 15.06
N GLY A 56 3.10 3.90 15.25
CA GLY A 56 2.49 3.85 16.56
C GLY A 56 1.76 5.11 16.96
N THR A 57 1.58 6.06 16.07
CA THR A 57 0.81 7.28 16.37
C THR A 57 -0.66 6.99 16.12
N VAL A 58 -1.49 7.22 17.14
CA VAL A 58 -2.85 6.73 17.16
C VAL A 58 -3.79 7.91 17.42
N ILE A 59 -4.95 7.90 16.78
CA ILE A 59 -5.95 8.94 17.00
C ILE A 59 -7.30 8.29 17.21
N TYR A 60 -8.19 9.03 17.90
CA TYR A 60 -9.50 8.52 18.27
C TYR A 60 -10.55 9.59 17.99
N ALA A 61 -11.77 9.12 17.70
CA ALA A 61 -12.88 10.05 17.51
C ALA A 61 -13.24 10.73 18.83
N GLN A 62 -13.68 11.98 18.74
CA GLN A 62 -13.92 12.75 19.95
C GLN A 62 -15.08 12.21 20.76
N LYS A 63 -16.05 11.56 20.10
CA LYS A 63 -17.21 11.03 20.83
C LYS A 63 -16.79 9.93 21.80
N PHE A 64 -15.93 9.02 21.35
CA PHE A 64 -15.50 7.90 22.18
C PHE A 64 -14.11 8.11 22.76
N GLN A 65 -13.58 9.34 22.67
CA GLN A 65 -12.25 9.61 23.17
C GLN A 65 -12.15 9.25 24.64
N GLY A 66 -11.17 8.42 24.98
CA GLY A 66 -11.04 7.92 26.33
C GLY A 66 -11.96 6.79 26.67
N ARG A 67 -12.82 6.36 25.75
CA ARG A 67 -13.67 5.20 25.98
C ARG A 67 -13.14 3.96 25.28
N VAL A 68 -12.22 4.12 24.32
CA VAL A 68 -11.72 3.03 23.50
C VAL A 68 -10.22 3.18 23.35
N THR A 69 -9.53 2.05 23.27
CA THR A 69 -8.09 2.02 23.03
C THR A 69 -7.77 0.95 21.99
N ILE A 70 -6.67 1.16 21.26
CA ILE A 70 -6.29 0.32 20.14
C ILE A 70 -4.79 0.02 20.23
N THR A 71 -4.42 -1.21 19.88
CA THR A 71 -3.01 -1.61 19.82
C THR A 71 -2.80 -2.52 18.61
N GLY A 72 -1.56 -2.59 18.16
CA GLY A 72 -1.22 -3.40 16.99
C GLY A 72 0.22 -3.85 17.01
N ASP A 73 0.52 -4.89 16.24
CA ASP A 73 1.82 -5.54 16.26
C ASP A 73 2.65 -5.31 14.99
N THR A 74 2.01 -5.45 13.82
CA THR A 74 2.53 -5.13 12.49
C THR A 74 3.51 -6.17 11.97
N TYR A 75 3.97 -7.07 12.83
CA TYR A 75 4.74 -8.21 12.38
C TYR A 75 4.02 -9.47 12.83
N ALA A 76 3.37 -10.14 11.88
CA ALA A 76 2.26 -11.04 12.20
C ALA A 76 1.24 -10.29 13.05
N GLY A 77 1.00 -9.05 12.64
CA GLY A 77 0.18 -8.13 13.37
C GLY A 77 -1.28 -8.52 13.39
N SER A 78 -1.90 -8.30 14.54
CA SER A 78 -3.30 -8.67 14.75
C SER A 78 -4.04 -7.57 15.49
N ALA A 79 -3.82 -6.32 15.07
CA ALA A 79 -4.20 -5.12 15.82
C ALA A 79 -5.49 -5.29 16.60
N HIS A 80 -5.42 -4.98 17.90
CA HIS A 80 -6.54 -5.18 18.82
C HIS A 80 -7.21 -3.84 19.13
N MET A 81 -8.51 -3.88 19.36
CA MET A 81 -9.24 -2.71 19.82
C MET A 81 -10.28 -3.15 20.83
N GLU A 82 -10.38 -2.40 21.93
CA GLU A 82 -11.36 -2.70 22.97
C GLU A 82 -12.13 -1.44 23.31
N LEU A 83 -13.46 -1.58 23.36
CA LEU A 83 -14.36 -0.51 23.74
C LEU A 83 -14.93 -0.81 25.11
N SER A 84 -14.91 0.20 25.98
CA SER A 84 -15.38 0.05 27.35
C SER A 84 -16.74 0.69 27.54
N GLY A 85 -17.40 0.33 28.63
CA GLY A 85 -18.66 0.93 28.99
C GLY A 85 -19.74 0.68 27.96
N LEU A 86 -19.87 -0.57 27.52
CA LEU A 86 -20.91 -0.92 26.55
C LEU A 86 -22.29 -0.70 27.16
N ARG A 87 -23.21 -0.20 26.34
CA ARG A 87 -24.58 0.04 26.76
C ARG A 87 -25.51 -0.34 25.63
N SER A 88 -26.77 0.10 25.74
CA SER A 88 -27.76 -0.24 24.72
C SER A 88 -27.38 0.38 23.37
N GLU A 89 -26.88 1.60 23.38
CA GLU A 89 -26.54 2.32 22.15
C GLU A 89 -25.17 1.94 21.61
N ASP A 90 -24.61 0.81 22.03
CA ASP A 90 -23.32 0.36 21.52
C ASP A 90 -23.39 -0.96 20.78
N THR A 91 -24.47 -1.73 20.93
CA THR A 91 -24.63 -2.96 20.18
C THR A 91 -24.61 -2.65 18.69
N ALA A 92 -23.61 -3.17 18.00
CA ALA A 92 -23.34 -2.75 16.62
C ALA A 92 -22.46 -3.82 15.97
N VAL A 93 -21.89 -3.47 14.82
CA VAL A 93 -20.93 -4.34 14.14
C VAL A 93 -19.61 -3.58 14.06
N PHE A 94 -18.52 -4.33 14.01
CA PHE A 94 -17.17 -3.78 14.03
C PHE A 94 -16.46 -4.11 12.73
N TYR A 95 -15.96 -3.09 12.05
CA TYR A 95 -15.21 -3.24 10.81
C TYR A 95 -13.82 -2.68 11.00
N CYS A 96 -12.83 -3.34 10.39
CA CYS A 96 -11.47 -2.83 10.32
C CYS A 96 -11.02 -2.83 8.87
N ALA A 97 -10.22 -1.83 8.51
CA ALA A 97 -9.87 -1.62 7.12
C ALA A 97 -8.51 -0.97 7.00
N ARG A 98 -7.90 -1.10 5.83
CA ARG A 98 -6.57 -0.59 5.54
C ARG A 98 -6.66 0.82 4.98
N GLY A 99 -5.54 1.36 4.51
CA GLY A 99 -5.53 2.65 3.83
C GLY A 99 -4.82 2.63 2.48
N SER A 100 -3.94 1.65 2.30
CA SER A 100 -3.26 1.40 1.04
C SER A 100 -2.53 2.62 0.50
N TYR A 101 -1.74 3.26 1.35
CA TYR A 101 -0.81 4.18 0.71
C TYR A 101 0.62 4.08 1.23
N ASP A 102 0.80 3.67 2.48
CA ASP A 102 2.09 3.30 3.08
C ASP A 102 3.33 4.12 2.72
N TYR A 103 3.23 5.43 2.55
CA TYR A 103 4.43 6.25 2.60
C TYR A 103 4.09 7.67 3.04
N GLY A 104 5.09 8.36 3.57
CA GLY A 104 4.90 9.51 4.42
C GLY A 104 4.09 10.68 3.91
N ASP A 105 4.03 10.85 2.59
CA ASP A 105 3.35 12.01 2.03
C ASP A 105 1.92 12.12 2.54
N ARG A 106 1.26 10.98 2.73
CA ARG A 106 -0.13 10.97 3.12
C ARG A 106 -0.46 9.95 4.19
N LEU A 107 0.52 9.33 4.84
CA LEU A 107 0.27 8.38 5.92
C LEU A 107 0.32 9.01 7.30
N LEU A 108 0.99 10.15 7.46
CA LEU A 108 0.76 10.92 8.67
C LEU A 108 -0.40 11.88 8.49
N ASN A 109 -0.79 12.15 7.25
CA ASN A 109 -2.08 12.71 6.89
C ASN A 109 -3.14 11.63 6.71
N TYR A 110 -2.82 10.40 7.12
CA TYR A 110 -3.61 9.20 6.83
C TYR A 110 -5.11 9.38 6.69
N THR A 111 -5.75 9.93 7.70
CA THR A 111 -7.19 9.78 7.74
C THR A 111 -7.90 10.77 6.82
N TYR A 112 -7.45 10.83 5.57
CA TYR A 112 -8.09 11.67 4.56
C TYR A 112 -8.61 10.85 3.39
N TYR A 113 -7.78 9.99 2.80
CA TYR A 113 -8.00 9.55 1.43
C TYR A 113 -9.00 8.39 1.31
N ALA A 114 -8.61 7.21 1.81
CA ALA A 114 -9.28 6.01 1.36
C ALA A 114 -9.07 4.86 2.34
N MET A 115 -9.92 3.85 2.20
CA MET A 115 -9.76 2.58 2.89
C MET A 115 -10.06 1.47 1.89
N ASP A 116 -9.05 0.66 1.58
CA ASP A 116 -9.10 -0.19 0.39
C ASP A 116 -9.84 -1.50 0.63
N VAL A 117 -9.32 -2.35 1.51
CA VAL A 117 -9.85 -3.69 1.71
C VAL A 117 -10.41 -3.79 3.12
N TRP A 118 -11.65 -4.23 3.24
CA TRP A 118 -12.33 -4.30 4.53
C TRP A 118 -12.55 -5.75 4.94
N GLY A 119 -13.15 -5.93 6.11
CA GLY A 119 -13.39 -7.23 6.67
C GLY A 119 -14.85 -7.49 6.95
N PRO A 120 -15.18 -8.74 7.27
CA PRO A 120 -16.59 -9.10 7.46
C PRO A 120 -17.27 -8.39 8.62
N GLY A 121 -16.53 -7.85 9.58
CA GLY A 121 -17.17 -7.21 10.71
C GLY A 121 -17.70 -8.21 11.71
N THR A 122 -17.69 -7.84 12.98
CA THR A 122 -18.14 -8.72 14.06
C THR A 122 -19.24 -8.04 14.85
N THR A 123 -20.30 -8.78 15.17
CA THR A 123 -21.41 -8.21 15.92
C THR A 123 -21.10 -8.23 17.42
N VAL A 124 -21.35 -7.12 18.08
CA VAL A 124 -21.22 -6.98 19.52
C VAL A 124 -22.56 -6.55 20.08
N THR A 125 -23.02 -7.22 21.14
CA THR A 125 -24.37 -7.05 21.65
C THR A 125 -24.34 -6.85 23.16
N VAL A 126 -25.19 -5.95 23.61
CA VAL A 126 -25.46 -5.72 25.03
C VAL A 126 -26.65 -6.57 25.44
N SER A 127 -26.69 -6.97 26.69
CA SER A 127 -27.78 -7.80 27.21
C SER A 127 -28.81 -6.91 27.88
N SER A 128 -30.02 -6.90 27.34
CA SER A 128 -31.12 -6.12 27.89
C SER A 128 -32.46 -6.57 27.30
N GLN B 1 -25.84 12.46 14.15
CA GLN B 1 -24.88 12.40 13.05
C GLN B 1 -24.84 13.71 12.26
N PRO B 2 -23.74 14.46 12.41
CA PRO B 2 -23.49 15.64 11.55
C PRO B 2 -22.93 15.23 10.19
N GLY B 3 -23.59 14.28 9.54
CA GLY B 3 -23.04 13.58 8.41
C GLY B 3 -23.33 14.21 7.07
N LEU B 4 -23.26 13.37 6.04
CA LEU B 4 -23.54 13.74 4.66
C LEU B 4 -24.92 13.21 4.33
N THR B 5 -25.93 14.05 4.52
CA THR B 5 -27.30 13.64 4.20
C THR B 5 -27.47 13.51 2.68
N GLN B 6 -28.28 12.54 2.27
CA GLN B 6 -28.72 12.43 0.90
C GLN B 6 -30.08 11.73 0.89
N PRO B 7 -30.82 11.81 -0.21
CA PRO B 7 -32.13 11.16 -0.25
C PRO B 7 -32.00 9.68 0.03
N PRO B 8 -32.99 9.09 0.68
CA PRO B 8 -32.82 7.75 1.24
C PRO B 8 -32.60 6.67 0.21
N SER B 9 -33.47 6.58 -0.80
CA SER B 9 -33.39 5.50 -1.77
C SER B 9 -33.93 5.96 -3.11
N VAL B 10 -33.49 5.28 -4.16
CA VAL B 10 -33.99 5.52 -5.51
C VAL B 10 -34.26 4.16 -6.14
N SER B 11 -35.45 3.99 -6.70
CA SER B 11 -35.81 2.75 -7.36
C SER B 11 -34.98 2.56 -8.62
N GLY B 12 -34.98 1.34 -9.14
CA GLY B 12 -34.16 1.03 -10.30
C GLY B 12 -34.90 0.58 -11.52
N ALA B 13 -34.89 1.43 -12.55
CA ALA B 13 -35.23 0.98 -13.89
C ALA B 13 -34.06 0.16 -14.43
N PRO B 14 -34.29 -0.63 -15.44
CA PRO B 14 -33.18 -1.42 -16.01
C PRO B 14 -32.36 -0.65 -17.03
N GLY B 15 -31.04 -0.70 -16.88
CA GLY B 15 -30.13 -0.21 -17.89
C GLY B 15 -30.24 1.26 -18.22
N GLN B 16 -29.83 2.13 -17.31
CA GLN B 16 -29.92 3.56 -17.56
C GLN B 16 -28.82 4.28 -16.78
N ARG B 17 -28.90 5.61 -16.77
CA ARG B 17 -27.97 6.49 -16.07
C ARG B 17 -28.72 7.14 -14.91
N VAL B 18 -28.30 6.82 -13.68
CA VAL B 18 -28.94 7.30 -12.47
C VAL B 18 -27.91 8.03 -11.62
N THR B 19 -28.34 9.13 -10.99
CA THR B 19 -27.48 9.97 -10.19
C THR B 19 -27.93 9.97 -8.74
N ILE B 20 -26.96 10.07 -7.84
CA ILE B 20 -27.19 10.04 -6.40
C ILE B 20 -26.39 11.16 -5.76
N SER B 21 -26.99 11.85 -4.80
CA SER B 21 -26.42 13.07 -4.23
C SER B 21 -25.65 12.79 -2.95
N CYS B 22 -24.84 13.78 -2.55
CA CYS B 22 -24.13 13.78 -1.27
C CYS B 22 -23.87 15.24 -0.92
N THR B 23 -24.68 15.80 -0.03
CA THR B 23 -24.65 17.22 0.31
C THR B 23 -24.06 17.42 1.69
N GLY B 24 -23.15 18.38 1.81
CA GLY B 24 -22.53 18.72 3.07
C GLY B 24 -22.19 20.19 3.11
N SER B 25 -21.54 20.60 4.19
CA SER B 25 -21.17 22.00 4.36
C SER B 25 -19.90 22.31 3.57
N ARG B 26 -19.60 23.60 3.45
CA ARG B 26 -18.29 24.00 2.94
C ARG B 26 -17.22 23.77 3.99
N SER B 27 -17.58 23.88 5.27
CA SER B 27 -16.64 23.76 6.36
C SER B 27 -16.12 22.34 6.56
N ASN B 28 -16.77 21.34 5.98
CA ASN B 28 -16.35 19.95 6.11
C ASN B 28 -16.02 19.26 4.80
N ILE B 29 -16.55 19.74 3.68
CA ILE B 29 -16.17 19.24 2.36
C ILE B 29 -15.62 20.36 1.48
N GLY B 30 -16.29 21.51 1.47
CA GLY B 30 -16.01 22.52 0.47
C GLY B 30 -14.60 23.06 0.51
N ALA B 31 -14.01 23.16 1.70
CA ALA B 31 -12.76 23.90 1.85
C ALA B 31 -11.63 23.30 1.02
N VAL B 32 -11.15 22.13 1.41
CA VAL B 32 -10.12 21.44 0.64
C VAL B 32 -10.46 19.96 0.57
N TYR B 33 -11.40 19.53 1.40
CA TYR B 33 -11.57 18.12 1.67
C TYR B 33 -12.19 17.38 0.49
N ALA B 34 -11.93 16.06 0.45
CA ALA B 34 -12.36 15.20 -0.63
C ALA B 34 -13.45 14.25 -0.16
N VAL B 35 -14.32 13.85 -1.07
CA VAL B 35 -15.35 12.88 -0.77
C VAL B 35 -14.93 11.51 -1.31
N HIS B 36 -15.66 10.48 -0.92
CA HIS B 36 -15.23 9.10 -1.12
C HIS B 36 -16.45 8.21 -1.21
N TRP B 37 -16.53 7.39 -2.25
CA TRP B 37 -17.73 6.62 -2.56
C TRP B 37 -17.48 5.13 -2.37
N TYR B 38 -18.26 4.52 -1.48
CA TYR B 38 -18.19 3.11 -1.14
C TYR B 38 -19.47 2.39 -1.57
N GLN B 39 -19.31 1.12 -1.94
CA GLN B 39 -20.42 0.22 -2.20
C GLN B 39 -20.46 -0.83 -1.10
N HIS B 40 -21.63 -1.00 -0.50
CA HIS B 40 -21.82 -1.84 0.68
C HIS B 40 -22.80 -2.94 0.35
N VAL B 41 -22.44 -4.17 0.68
CA VAL B 41 -23.34 -5.32 0.59
C VAL B 41 -23.92 -5.58 1.96
N PRO B 42 -25.23 -5.50 2.14
CA PRO B 42 -25.81 -5.67 3.48
C PRO B 42 -25.46 -7.02 4.09
N GLY B 43 -24.69 -7.00 5.18
CA GLY B 43 -24.24 -8.20 5.84
C GLY B 43 -22.83 -8.63 5.49
N ALA B 44 -22.20 -7.96 4.52
CA ALA B 44 -20.85 -8.31 4.07
C ALA B 44 -19.97 -7.08 4.15
N ALA B 45 -18.71 -7.26 3.77
CA ALA B 45 -17.74 -6.18 3.79
C ALA B 45 -17.97 -5.23 2.63
N PRO B 46 -17.92 -3.92 2.87
CA PRO B 46 -18.16 -2.97 1.78
C PRO B 46 -17.01 -2.95 0.78
N LYS B 47 -17.23 -2.22 -0.32
CA LYS B 47 -16.26 -2.09 -1.39
C LYS B 47 -16.10 -0.63 -1.77
N LEU B 48 -14.87 -0.28 -2.14
CA LEU B 48 -14.57 1.06 -2.63
C LEU B 48 -15.09 1.23 -4.06
N LEU B 49 -15.57 2.43 -4.37
CA LEU B 49 -15.84 2.72 -5.77
C LEU B 49 -15.14 3.96 -6.27
N ILE B 50 -15.05 5.02 -5.48
CA ILE B 50 -14.46 6.27 -5.96
C ILE B 50 -13.63 6.91 -4.85
N TYR B 51 -12.45 7.41 -5.20
CA TYR B 51 -11.58 8.12 -4.28
C TYR B 51 -11.03 9.38 -4.94
N GLU B 52 -10.63 10.33 -4.09
CA GLU B 52 -10.05 11.60 -4.54
C GLU B 52 -11.02 12.41 -5.38
N ASN B 53 -12.31 12.19 -5.17
CA ASN B 53 -13.41 12.97 -5.72
C ASN B 53 -13.61 12.71 -7.20
N ASN B 54 -12.59 12.18 -7.87
CA ASN B 54 -12.67 12.00 -9.31
C ASN B 54 -12.07 10.70 -9.82
N ASN B 55 -11.03 10.18 -9.20
CA ASN B 55 -10.31 9.06 -9.79
C ASN B 55 -11.14 7.80 -9.67
N ARG B 56 -10.73 6.76 -10.40
CA ARG B 56 -11.52 5.55 -10.51
C ARG B 56 -10.65 4.32 -10.29
N PRO B 57 -10.81 3.62 -9.16
CA PRO B 57 -9.94 2.47 -8.88
C PRO B 57 -10.10 1.38 -9.92
N SER B 58 -9.01 0.65 -10.14
CA SER B 58 -9.04 -0.47 -11.06
C SER B 58 -9.99 -1.55 -10.56
N GLY B 59 -10.36 -2.44 -11.48
CA GLY B 59 -11.31 -3.49 -11.16
C GLY B 59 -12.75 -3.06 -11.22
N ILE B 60 -13.02 -1.76 -11.35
CA ILE B 60 -14.37 -1.22 -11.46
C ILE B 60 -14.60 -0.84 -12.92
N PRO B 61 -15.48 -1.55 -13.64
CA PRO B 61 -15.77 -1.16 -15.02
C PRO B 61 -16.46 0.20 -15.09
N ASP B 62 -16.28 0.85 -16.24
CA ASP B 62 -16.58 2.28 -16.38
C ASP B 62 -18.03 2.64 -16.14
N ARG B 63 -18.84 1.65 -15.75
CA ARG B 63 -20.23 1.94 -15.41
C ARG B 63 -20.35 3.06 -14.40
N PHE B 64 -19.60 2.97 -13.32
CA PHE B 64 -19.64 3.94 -12.24
C PHE B 64 -18.89 5.20 -12.64
N SER B 65 -19.31 6.32 -12.06
CA SER B 65 -18.59 7.59 -12.20
C SER B 65 -19.10 8.53 -11.14
N GLY B 66 -18.57 9.76 -11.14
CA GLY B 66 -19.01 10.74 -10.18
C GLY B 66 -18.10 11.94 -10.20
N SER B 67 -18.51 12.95 -9.46
CA SER B 67 -17.76 14.22 -9.40
C SER B 67 -18.26 15.03 -8.22
N LYS B 68 -17.79 16.27 -8.13
CA LYS B 68 -18.21 17.19 -7.09
C LYS B 68 -18.50 18.54 -7.73
N SER B 69 -19.18 19.39 -6.97
CA SER B 69 -19.59 20.70 -7.45
C SER B 69 -19.90 21.57 -6.24
N GLY B 70 -19.15 22.65 -6.09
CA GLY B 70 -19.43 23.63 -5.06
C GLY B 70 -19.46 23.06 -3.65
N THR B 71 -20.67 22.97 -3.08
CA THR B 71 -20.86 22.51 -1.72
C THR B 71 -21.51 21.13 -1.66
N SER B 72 -21.36 20.33 -2.71
CA SER B 72 -21.91 18.97 -2.70
C SER B 72 -21.13 18.13 -3.70
N ALA B 73 -21.45 16.85 -3.76
CA ALA B 73 -20.87 15.95 -4.74
C ALA B 73 -21.91 14.90 -5.10
N SER B 74 -21.59 14.07 -6.08
CA SER B 74 -22.58 13.13 -6.55
C SER B 74 -21.90 11.99 -7.27
N LEU B 75 -22.65 10.89 -7.39
CA LEU B 75 -22.21 9.68 -8.03
C LEU B 75 -23.24 9.29 -9.08
N VAL B 76 -22.82 8.51 -10.07
CA VAL B 76 -23.66 8.16 -11.20
C VAL B 76 -23.34 6.74 -11.65
N ILE B 77 -24.39 6.01 -12.03
CA ILE B 77 -24.26 4.68 -12.60
C ILE B 77 -24.84 4.73 -14.00
N THR B 78 -24.12 4.17 -14.96
CA THR B 78 -24.71 3.95 -16.28
C THR B 78 -25.04 2.48 -16.45
N GLY B 79 -26.11 2.21 -17.18
CA GLY B 79 -26.54 0.85 -17.44
C GLY B 79 -26.85 0.08 -16.18
N LEU B 80 -27.92 0.48 -15.49
CA LEU B 80 -28.26 -0.14 -14.21
C LEU B 80 -28.57 -1.62 -14.41
N GLN B 81 -28.13 -2.43 -13.45
CA GLN B 81 -28.40 -3.87 -13.45
C GLN B 81 -28.73 -4.31 -12.04
N ALA B 82 -29.34 -5.49 -11.93
CA ALA B 82 -29.85 -5.96 -10.65
C ALA B 82 -28.74 -6.21 -9.63
N GLU B 83 -27.55 -6.60 -10.10
CA GLU B 83 -26.44 -6.85 -9.17
C GLU B 83 -26.03 -5.59 -8.41
N ASP B 84 -26.40 -4.42 -8.91
CA ASP B 84 -26.06 -3.16 -8.26
C ASP B 84 -26.98 -2.83 -7.09
N GLU B 85 -28.02 -3.62 -6.86
CA GLU B 85 -28.89 -3.40 -5.71
C GLU B 85 -28.08 -3.56 -4.43
N ALA B 86 -27.79 -2.46 -3.75
CA ALA B 86 -26.90 -2.50 -2.60
C ALA B 86 -26.87 -1.13 -1.95
N ASP B 87 -26.18 -1.07 -0.81
CA ASP B 87 -26.01 0.20 -0.12
C ASP B 87 -24.93 1.01 -0.82
N TYR B 88 -25.11 2.32 -0.85
CA TYR B 88 -24.10 3.25 -1.35
C TYR B 88 -23.74 4.22 -0.24
N LEU B 89 -22.50 4.70 -0.24
CA LEU B 89 -22.02 5.47 0.89
C LEU B 89 -21.02 6.53 0.43
N CYS B 90 -21.06 7.70 1.07
CA CYS B 90 -20.12 8.77 0.77
C CYS B 90 -19.57 9.36 2.06
N GLN B 91 -18.26 9.55 2.10
CA GLN B 91 -17.56 9.98 3.31
C GLN B 91 -16.53 11.04 2.99
N SER B 92 -16.07 11.73 4.04
CA SER B 92 -15.09 12.81 3.88
C SER B 92 -14.47 13.11 5.24
N TYR B 93 -13.58 14.10 5.27
CA TYR B 93 -13.02 14.58 6.53
C TYR B 93 -13.93 15.65 7.12
N ASP B 94 -13.58 16.12 8.31
CA ASP B 94 -14.47 17.11 8.99
C ASP B 94 -13.65 18.03 9.87
N ARG B 95 -13.39 19.25 9.40
CA ARG B 95 -12.68 20.22 10.25
C ARG B 95 -13.32 20.15 11.63
N SER B 96 -14.64 19.98 11.67
CA SER B 96 -15.36 19.89 12.96
C SER B 96 -14.91 18.65 13.75
N VAL B 97 -15.21 17.45 13.24
CA VAL B 97 -14.90 16.23 14.04
C VAL B 97 -14.35 15.10 13.16
N GLY B 98 -13.02 14.99 13.04
CA GLY B 98 -12.38 13.87 12.32
C GLY B 98 -13.03 13.48 11.01
N VAL B 99 -13.54 12.24 10.92
CA VAL B 99 -14.06 11.74 9.66
C VAL B 99 -15.58 11.65 9.76
N VAL B 100 -16.25 11.92 8.65
CA VAL B 100 -17.70 12.02 8.60
C VAL B 100 -18.22 11.13 7.48
N PHE B 101 -19.34 10.46 7.75
CA PHE B 101 -19.93 9.51 6.81
C PHE B 101 -21.39 9.84 6.54
N GLY B 102 -21.82 9.59 5.32
CA GLY B 102 -23.18 9.83 4.91
C GLY B 102 -24.11 8.70 5.31
N GLY B 103 -25.38 8.88 4.93
CA GLY B 103 -26.42 7.94 5.27
C GLY B 103 -26.32 6.59 4.59
N GLY B 104 -25.96 6.60 3.31
CA GLY B 104 -26.01 5.39 2.51
C GLY B 104 -27.36 5.20 1.87
N THR B 105 -27.39 5.03 0.56
CA THR B 105 -28.63 4.90 -0.21
C THR B 105 -28.81 3.45 -0.65
N ARG B 106 -29.97 2.88 -0.35
CA ARG B 106 -30.26 1.48 -0.68
C ARG B 106 -30.75 1.40 -2.12
N LEU B 107 -29.81 1.37 -3.04
CA LEU B 107 -30.17 1.28 -4.46
C LEU B 107 -30.88 -0.03 -4.71
N THR B 108 -32.14 0.07 -5.17
CA THR B 108 -32.99 -1.07 -5.45
C THR B 108 -33.49 -0.99 -6.88
N VAL B 109 -33.76 -2.15 -7.47
CA VAL B 109 -34.21 -2.26 -8.85
C VAL B 109 -35.46 -3.12 -8.89
N LEU B 110 -36.49 -2.64 -9.57
CA LEU B 110 -37.74 -3.38 -9.70
C LEU B 110 -38.00 -3.77 -11.14
N PRO C 324 39.91 -18.63 -28.82
CA PRO C 324 39.29 -19.81 -28.20
C PRO C 324 39.66 -19.97 -26.74
N ASN C 325 40.51 -19.08 -26.24
CA ASN C 325 40.89 -19.05 -24.82
C ASN C 325 40.19 -17.87 -24.15
N ILE C 326 38.91 -18.07 -23.83
CA ILE C 326 38.14 -17.02 -23.19
C ILE C 326 38.70 -16.77 -21.80
N THR C 327 38.94 -15.52 -21.47
CA THR C 327 39.67 -15.25 -20.24
C THR C 327 39.06 -14.16 -19.36
N ASN C 328 38.47 -13.12 -19.94
CA ASN C 328 37.82 -12.09 -19.15
C ASN C 328 36.31 -12.36 -19.02
N LEU C 329 36.00 -13.53 -18.47
CA LEU C 329 34.64 -13.78 -17.99
C LEU C 329 34.31 -12.76 -16.91
N CYS C 330 33.41 -11.82 -17.21
CA CYS C 330 33.16 -10.72 -16.29
C CYS C 330 32.70 -11.26 -14.94
N PRO C 331 33.13 -10.66 -13.84
CA PRO C 331 32.79 -11.22 -12.53
C PRO C 331 31.33 -11.02 -12.20
N PHE C 332 30.55 -12.06 -12.33
CA PHE C 332 29.14 -12.03 -12.00
C PHE C 332 28.78 -13.01 -10.92
N HIS C 333 29.53 -14.11 -10.77
CA HIS C 333 29.30 -15.02 -9.67
C HIS C 333 29.45 -14.33 -8.33
N GLU C 334 29.95 -13.10 -8.28
CA GLU C 334 30.00 -12.31 -7.06
C GLU C 334 28.89 -11.27 -6.98
N VAL C 335 28.49 -10.67 -8.11
CA VAL C 335 27.35 -9.76 -8.06
C VAL C 335 26.11 -10.52 -7.68
N PHE C 336 26.10 -11.82 -7.91
CA PHE C 336 25.05 -12.66 -7.38
C PHE C 336 25.68 -13.50 -6.27
N ASN C 337 24.85 -14.29 -5.60
CA ASN C 337 25.32 -15.27 -4.62
C ASN C 337 26.16 -14.63 -3.51
N ALA C 338 26.05 -13.32 -3.32
CA ALA C 338 26.85 -12.65 -2.30
C ALA C 338 26.44 -13.03 -0.88
N THR C 339 25.33 -13.73 -0.73
CA THR C 339 24.83 -14.28 0.54
C THR C 339 24.29 -13.19 1.46
N THR C 340 24.58 -11.94 1.14
CA THR C 340 24.06 -10.81 1.92
C THR C 340 23.87 -9.64 0.95
N PHE C 341 22.65 -9.49 0.46
CA PHE C 341 22.32 -8.31 -0.32
C PHE C 341 22.03 -7.16 0.63
N ALA C 342 22.52 -5.99 0.29
CA ALA C 342 22.29 -4.84 1.15
C ALA C 342 20.83 -4.40 1.09
N SER C 343 20.39 -3.73 2.14
CA SER C 343 19.03 -3.24 2.19
C SER C 343 18.82 -2.19 1.10
N VAL C 344 17.56 -1.84 0.87
CA VAL C 344 17.23 -1.04 -0.31
C VAL C 344 17.27 0.45 -0.04
N TYR C 345 17.36 0.89 1.21
CA TYR C 345 17.50 2.31 1.44
C TYR C 345 18.84 2.83 0.98
N ALA C 346 19.83 1.94 0.84
CA ALA C 346 21.18 2.33 0.41
C ALA C 346 21.72 1.21 -0.47
N TRP C 347 21.48 1.32 -1.78
CA TRP C 347 21.85 0.27 -2.70
C TRP C 347 23.27 0.47 -3.20
N ASN C 348 23.98 -0.63 -3.43
CA ASN C 348 25.32 -0.56 -3.97
C ASN C 348 25.28 -0.17 -5.44
N ARG C 349 26.46 -0.07 -6.04
CA ARG C 349 26.55 0.26 -7.46
C ARG C 349 27.92 -0.24 -7.93
N LYS C 350 27.94 -1.39 -8.59
CA LYS C 350 29.20 -1.97 -9.06
C LYS C 350 29.32 -1.75 -10.56
N ARG C 351 30.37 -1.05 -10.97
CA ARG C 351 30.58 -0.75 -12.38
C ARG C 351 31.44 -1.85 -12.98
N ILE C 352 31.02 -2.37 -14.13
CA ILE C 352 31.72 -3.45 -14.79
C ILE C 352 32.09 -2.99 -16.19
N SER C 353 33.33 -3.25 -16.58
CA SER C 353 33.81 -2.91 -17.92
C SER C 353 35.06 -3.73 -18.19
N ASN C 354 35.45 -3.74 -19.47
CA ASN C 354 36.73 -4.30 -19.89
C ASN C 354 36.83 -5.79 -19.55
N CYS C 355 35.82 -6.55 -19.99
CA CYS C 355 35.87 -8.00 -19.89
C CYS C 355 34.86 -8.56 -20.88
N VAL C 356 34.63 -9.88 -20.79
CA VAL C 356 33.67 -10.57 -21.63
C VAL C 356 32.56 -11.06 -20.74
N ALA C 357 31.32 -10.70 -21.08
CA ALA C 357 30.20 -10.92 -20.18
C ALA C 357 29.24 -11.92 -20.82
N ASP C 358 29.51 -13.20 -20.59
CA ASP C 358 28.62 -14.25 -21.09
C ASP C 358 27.47 -14.40 -20.12
N TYR C 359 26.38 -13.72 -20.41
CA TYR C 359 25.25 -13.68 -19.50
C TYR C 359 24.59 -15.04 -19.35
N SER C 360 25.07 -16.05 -20.08
CA SER C 360 24.42 -17.35 -20.03
C SER C 360 24.43 -17.91 -18.61
N VAL C 361 25.55 -17.72 -17.89
CA VAL C 361 25.64 -18.23 -16.53
C VAL C 361 24.54 -17.65 -15.65
N ILE C 362 24.07 -16.44 -15.97
CA ILE C 362 23.02 -15.84 -15.17
C ILE C 362 21.80 -16.74 -15.16
N TYR C 363 21.50 -17.35 -16.28
CA TYR C 363 20.34 -18.22 -16.35
C TYR C 363 20.53 -19.53 -15.63
N ASN C 364 21.55 -19.72 -14.78
CA ASN C 364 21.72 -20.96 -14.05
C ASN C 364 21.47 -20.78 -12.55
N PHE C 365 20.52 -19.92 -12.20
CA PHE C 365 19.97 -19.83 -10.86
C PHE C 365 18.48 -20.20 -10.87
N ALA C 366 17.84 -20.01 -9.72
CA ALA C 366 16.48 -20.48 -9.50
C ALA C 366 15.53 -19.80 -10.47
N PRO C 367 14.37 -20.42 -10.73
CA PRO C 367 13.39 -19.79 -11.62
C PRO C 367 13.00 -18.42 -11.10
N PHE C 368 12.83 -17.48 -12.02
CA PHE C 368 12.78 -16.06 -11.69
C PHE C 368 11.33 -15.58 -11.60
N PHE C 369 11.00 -14.91 -10.50
CA PHE C 369 9.72 -14.23 -10.40
C PHE C 369 9.59 -13.16 -11.45
N ALA C 370 10.70 -12.60 -11.93
CA ALA C 370 10.62 -11.62 -13.00
C ALA C 370 11.96 -11.54 -13.71
N PHE C 371 11.92 -11.56 -15.04
CA PHE C 371 13.10 -11.32 -15.87
C PHE C 371 12.60 -10.44 -17.01
N LYS C 372 12.66 -9.13 -16.82
CA LYS C 372 12.08 -8.23 -17.80
C LYS C 372 13.19 -7.43 -18.44
N CYS C 373 13.28 -7.47 -19.77
CA CYS C 373 14.30 -6.72 -20.49
C CYS C 373 13.64 -5.68 -21.38
N TYR C 374 14.12 -4.45 -21.26
CA TYR C 374 13.40 -3.28 -21.74
C TYR C 374 14.03 -2.60 -22.93
N GLY C 375 15.34 -2.44 -22.96
CA GLY C 375 15.96 -1.82 -24.09
C GLY C 375 16.42 -2.81 -25.13
N VAL C 376 17.08 -3.87 -24.68
CA VAL C 376 17.76 -4.80 -25.56
C VAL C 376 17.10 -6.16 -25.44
N SER C 377 16.92 -6.82 -26.56
CA SER C 377 16.25 -8.11 -26.55
C SER C 377 17.12 -9.12 -25.78
N PRO C 378 16.51 -9.98 -24.97
CA PRO C 378 17.28 -10.71 -23.97
C PRO C 378 18.04 -11.93 -24.47
N THR C 379 17.49 -12.64 -25.45
CA THR C 379 18.17 -13.85 -25.90
C THR C 379 19.51 -13.54 -26.55
N LYS C 380 19.60 -12.42 -27.26
CA LYS C 380 20.81 -12.05 -27.98
C LYS C 380 21.83 -11.36 -27.09
N LEU C 381 21.74 -11.53 -25.77
CA LEU C 381 22.63 -10.79 -24.87
C LEU C 381 24.09 -11.10 -25.08
N ASN C 382 24.42 -12.22 -25.73
CA ASN C 382 25.82 -12.53 -26.02
C ASN C 382 26.43 -11.48 -26.95
N ASP C 383 25.96 -11.42 -28.19
CA ASP C 383 26.68 -10.69 -29.22
C ASP C 383 26.54 -9.17 -29.08
N LEU C 384 25.40 -8.69 -28.63
CA LEU C 384 25.24 -7.27 -28.39
C LEU C 384 26.29 -6.76 -27.40
N CYS C 385 26.90 -5.62 -27.74
CA CYS C 385 28.11 -5.14 -27.11
C CYS C 385 27.87 -3.80 -26.40
N PHE C 386 28.82 -3.42 -25.55
CA PHE C 386 28.62 -2.29 -24.65
C PHE C 386 29.92 -1.57 -24.34
N THR C 387 29.78 -0.41 -23.73
CA THR C 387 30.89 0.33 -23.13
C THR C 387 31.01 0.03 -21.65
N ASN C 388 29.98 0.37 -20.87
CA ASN C 388 29.97 0.18 -19.43
C ASN C 388 28.66 -0.49 -19.04
N VAL C 389 28.70 -1.29 -17.98
CA VAL C 389 27.47 -1.84 -17.42
C VAL C 389 27.47 -1.56 -15.94
N TYR C 390 26.28 -1.42 -15.37
CA TYR C 390 26.13 -1.07 -13.97
C TYR C 390 25.27 -2.13 -13.30
N ALA C 391 25.75 -2.71 -12.22
CA ALA C 391 25.02 -3.74 -11.52
C ALA C 391 24.55 -3.20 -10.17
N ASP C 392 23.25 -3.25 -9.94
CA ASP C 392 22.64 -2.86 -8.67
C ASP C 392 21.94 -4.07 -8.08
N SER C 393 21.86 -4.11 -6.76
CA SER C 393 21.20 -5.22 -6.09
C SER C 393 20.61 -4.75 -4.77
N PHE C 394 19.41 -5.25 -4.46
CA PHE C 394 18.84 -5.02 -3.14
C PHE C 394 17.79 -6.09 -2.86
N VAL C 395 17.04 -5.90 -1.78
CA VAL C 395 16.04 -6.84 -1.30
C VAL C 395 14.75 -6.08 -1.06
N ILE C 396 13.67 -6.52 -1.69
CA ILE C 396 12.41 -5.79 -1.58
C ILE C 396 11.26 -6.77 -1.36
N ARG C 397 10.24 -6.27 -0.68
CA ARG C 397 9.03 -7.02 -0.42
C ARG C 397 8.40 -7.45 -1.72
N GLY C 398 7.90 -8.69 -1.75
CA GLY C 398 7.54 -9.31 -3.02
C GLY C 398 6.54 -8.50 -3.83
N ASN C 399 5.42 -8.13 -3.22
CA ASN C 399 4.44 -7.49 -4.08
C ASN C 399 4.85 -6.11 -4.51
N GLU C 400 6.08 -5.68 -4.24
CA GLU C 400 6.58 -4.41 -4.74
C GLU C 400 7.57 -4.56 -5.88
N VAL C 401 7.84 -5.79 -6.31
CA VAL C 401 8.84 -5.98 -7.37
C VAL C 401 8.46 -5.18 -8.62
N SER C 402 7.18 -5.17 -8.96
CA SER C 402 6.76 -4.50 -10.17
C SER C 402 7.11 -3.03 -10.15
N GLN C 403 7.33 -2.45 -8.98
CA GLN C 403 7.66 -1.03 -8.91
C GLN C 403 9.03 -0.74 -9.50
N ILE C 404 9.88 -1.74 -9.67
CA ILE C 404 11.21 -1.53 -10.28
C ILE C 404 11.02 -1.72 -11.78
N ALA C 405 10.55 -0.65 -12.43
CA ALA C 405 10.31 -0.62 -13.87
C ALA C 405 10.13 0.83 -14.27
N PRO C 406 10.59 1.24 -15.45
CA PRO C 406 10.60 2.65 -15.78
C PRO C 406 9.21 3.25 -15.71
N GLY C 407 9.13 4.46 -15.17
CA GLY C 407 7.87 5.17 -15.09
C GLY C 407 6.78 4.41 -14.36
N GLN C 408 7.11 3.86 -13.21
CA GLN C 408 6.15 3.14 -12.37
C GLN C 408 6.23 3.72 -10.96
N THR C 409 5.24 4.53 -10.60
CA THR C 409 5.25 5.21 -9.32
C THR C 409 5.00 4.23 -8.18
N GLY C 410 4.97 4.77 -6.97
CA GLY C 410 4.87 3.96 -5.77
C GLY C 410 6.08 4.16 -4.87
N ASN C 411 5.96 3.61 -3.67
CA ASN C 411 6.92 3.90 -2.61
C ASN C 411 8.34 3.56 -3.03
N ILE C 412 8.65 2.28 -3.16
CA ILE C 412 10.01 1.85 -3.33
C ILE C 412 10.62 2.40 -4.61
N ALA C 413 9.79 2.92 -5.50
CA ALA C 413 10.27 3.50 -6.75
C ALA C 413 10.20 5.02 -6.80
N ASP C 414 9.73 5.69 -5.75
CA ASP C 414 9.85 7.14 -5.72
C ASP C 414 10.60 7.64 -4.51
N TYR C 415 10.99 6.78 -3.58
CA TYR C 415 11.78 7.21 -2.45
C TYR C 415 13.13 6.52 -2.31
N ASN C 416 13.33 5.35 -2.92
CA ASN C 416 14.54 4.58 -2.69
C ASN C 416 15.33 4.26 -3.93
N TYR C 417 14.68 4.09 -5.08
CA TYR C 417 15.38 3.72 -6.30
C TYR C 417 14.51 4.16 -7.47
N LYS C 418 14.91 5.21 -8.17
CA LYS C 418 14.10 5.80 -9.23
C LYS C 418 14.78 5.56 -10.57
N LEU C 419 14.21 4.66 -11.37
CA LEU C 419 14.68 4.47 -12.73
C LEU C 419 14.35 5.69 -13.58
N PRO C 420 15.12 5.95 -14.64
CA PRO C 420 14.76 7.03 -15.56
C PRO C 420 13.90 6.52 -16.71
N ASP C 421 12.87 7.26 -17.08
CA ASP C 421 11.96 6.68 -18.06
C ASP C 421 12.54 6.64 -19.47
N ASP C 422 13.84 6.84 -19.64
CA ASP C 422 14.56 6.47 -20.86
C ASP C 422 15.60 5.40 -20.53
N PHE C 423 15.26 4.53 -19.59
CA PHE C 423 16.15 3.49 -19.09
C PHE C 423 16.48 2.48 -20.19
N THR C 424 17.58 1.77 -20.00
CA THR C 424 17.92 0.62 -20.81
C THR C 424 18.65 -0.37 -19.94
N GLY C 425 18.52 -1.66 -20.28
CA GLY C 425 19.07 -2.74 -19.45
C GLY C 425 18.00 -3.76 -19.04
N CYS C 426 18.36 -4.79 -18.26
CA CYS C 426 17.39 -5.85 -17.87
C CYS C 426 17.13 -5.79 -16.37
N VAL C 427 16.18 -6.58 -15.86
CA VAL C 427 15.81 -6.56 -14.41
C VAL C 427 15.59 -7.99 -13.91
N ILE C 428 16.58 -8.59 -13.26
CA ILE C 428 16.44 -9.94 -12.70
C ILE C 428 15.76 -9.77 -11.36
N ALA C 429 14.85 -10.68 -11.02
CA ALA C 429 14.22 -10.63 -9.71
C ALA C 429 13.81 -12.03 -9.31
N TRP C 430 14.41 -12.56 -8.25
CA TRP C 430 14.14 -13.93 -7.85
C TRP C 430 13.80 -13.96 -6.36
N ASN C 431 13.47 -15.14 -5.86
CA ASN C 431 12.95 -15.34 -4.51
C ASN C 431 14.01 -15.89 -3.58
N SER C 432 13.93 -15.49 -2.30
CA SER C 432 14.96 -15.86 -1.34
C SER C 432 14.37 -16.21 0.01
N ASN C 433 13.14 -16.72 0.04
CA ASN C 433 12.43 -16.90 1.31
C ASN C 433 13.21 -17.76 2.29
N ASN C 434 13.99 -18.72 1.78
CA ASN C 434 14.78 -19.54 2.67
C ASN C 434 15.99 -18.79 3.21
N LEU C 435 16.48 -17.77 2.51
CA LEU C 435 17.77 -17.19 2.84
C LEU C 435 17.68 -15.96 3.71
N ASP C 436 16.52 -15.33 3.85
CA ASP C 436 16.43 -14.05 4.54
C ASP C 436 15.22 -14.00 5.46
N SER C 437 15.11 -14.99 6.34
CA SER C 437 14.15 -14.91 7.43
C SER C 437 14.70 -15.67 8.63
N LYS C 438 14.18 -15.32 9.80
CA LYS C 438 14.50 -16.00 11.02
C LYS C 438 13.21 -16.29 11.77
N PRO C 439 13.18 -17.35 12.56
CA PRO C 439 11.94 -17.68 13.28
C PRO C 439 11.40 -16.53 14.12
N SER C 440 12.28 -15.76 14.76
CA SER C 440 11.82 -14.58 15.49
C SER C 440 11.50 -13.43 14.55
N GLY C 441 12.27 -13.28 13.49
CA GLY C 441 12.03 -12.21 12.54
C GLY C 441 13.23 -11.32 12.32
N ASN C 442 13.68 -11.23 11.08
CA ASN C 442 14.77 -10.34 10.73
C ASN C 442 14.31 -8.89 10.79
N TYR C 443 15.28 -7.99 10.95
CA TYR C 443 15.01 -6.57 10.74
C TYR C 443 16.18 -5.90 10.02
N ASN C 444 16.99 -6.67 9.30
CA ASN C 444 18.20 -6.13 8.68
C ASN C 444 17.94 -5.69 7.24
N TYR C 445 16.77 -5.13 6.98
CA TYR C 445 16.49 -4.43 5.74
C TYR C 445 15.54 -3.29 6.06
N LEU C 446 16.01 -2.06 5.93
CA LEU C 446 15.21 -0.88 6.21
C LEU C 446 15.04 -0.08 4.92
N TYR C 447 13.84 0.44 4.71
CA TYR C 447 13.51 1.19 3.51
C TYR C 447 12.97 2.56 3.89
N ARG C 448 13.12 3.51 2.98
CA ARG C 448 12.69 4.86 3.29
C ARG C 448 11.17 4.94 3.29
N LEU C 449 10.64 5.70 4.24
CA LEU C 449 9.20 5.86 4.38
C LEU C 449 8.75 7.30 4.40
N LEU C 450 9.66 8.26 4.55
CA LEU C 450 9.28 9.66 4.55
C LEU C 450 10.38 10.50 3.90
N ARG C 451 10.00 11.63 3.34
CA ARG C 451 10.93 12.57 2.75
C ARG C 451 10.18 13.88 2.51
N LYS C 452 10.82 14.82 1.82
CA LYS C 452 10.16 16.05 1.41
C LYS C 452 9.76 16.04 -0.05
N SER C 453 10.50 15.34 -0.90
CA SER C 453 10.14 15.24 -2.31
C SER C 453 10.80 14.02 -2.92
N LYS C 454 10.32 13.63 -4.09
CA LYS C 454 10.81 12.44 -4.75
C LYS C 454 12.25 12.63 -5.21
N LEU C 455 12.80 11.59 -5.83
CA LEU C 455 14.20 11.58 -6.24
C LEU C 455 14.35 11.82 -7.73
N LYS C 456 15.35 12.62 -8.09
CA LYS C 456 15.79 12.66 -9.48
C LYS C 456 16.38 11.30 -9.82
N PRO C 457 16.27 10.86 -11.07
CA PRO C 457 16.58 9.46 -11.40
C PRO C 457 18.01 9.10 -11.06
N PHE C 458 18.18 7.84 -10.63
CA PHE C 458 19.49 7.29 -10.32
C PHE C 458 20.22 8.15 -9.28
N GLU C 459 19.66 8.17 -8.08
CA GLU C 459 20.25 8.94 -6.99
C GLU C 459 19.97 8.19 -5.69
N ARG C 460 20.88 8.33 -4.74
CA ARG C 460 20.75 7.66 -3.45
C ARG C 460 20.81 8.67 -2.33
N ASP C 461 20.07 8.38 -1.26
CA ASP C 461 20.07 9.24 -0.07
C ASP C 461 20.19 8.35 1.16
N ILE C 462 21.42 8.03 1.54
CA ILE C 462 21.67 7.21 2.71
C ILE C 462 21.40 7.94 4.01
N SER C 463 21.27 9.27 3.95
CA SER C 463 21.18 10.05 5.16
C SER C 463 19.91 9.72 5.93
N THR C 464 19.97 9.89 7.25
CA THR C 464 18.84 9.69 8.15
C THR C 464 18.64 10.94 8.99
N GLU C 465 17.98 11.93 8.41
CA GLU C 465 17.56 13.12 9.14
C GLU C 465 16.19 12.83 9.73
N ILE C 466 16.05 13.04 11.05
CA ILE C 466 14.77 12.81 11.69
C ILE C 466 13.73 13.69 10.99
N TYR C 467 12.75 13.05 10.37
CA TYR C 467 11.80 13.79 9.55
C TYR C 467 10.96 14.74 10.39
N GLN C 468 10.60 15.86 9.79
CA GLN C 468 9.78 16.88 10.44
C GLN C 468 8.44 16.96 9.73
N ALA C 469 7.36 16.77 10.49
CA ALA C 469 6.01 16.82 9.94
C ALA C 469 5.21 18.01 10.43
N GLY C 470 5.06 18.16 11.74
CA GLY C 470 4.27 19.25 12.28
C GLY C 470 4.93 20.59 12.07
N ASN C 471 4.24 21.63 12.56
CA ASN C 471 4.77 22.99 12.47
C ASN C 471 5.88 23.26 13.47
N LYS C 472 6.16 22.31 14.40
CA LYS C 472 7.21 22.50 15.41
C LYS C 472 8.43 21.65 15.07
N PRO C 473 9.63 22.15 15.36
CA PRO C 473 10.84 21.39 15.05
C PRO C 473 10.96 20.13 15.91
N CYS C 474 11.73 19.19 15.41
CA CYS C 474 11.96 17.92 16.09
C CYS C 474 13.10 17.99 17.09
N ASN C 475 13.79 19.13 17.18
CA ASN C 475 14.88 19.35 18.14
C ASN C 475 16.00 18.33 17.98
N GLY C 476 16.23 17.87 16.75
CA GLY C 476 17.36 17.02 16.46
C GLY C 476 17.17 15.55 16.75
N VAL C 477 16.03 15.15 17.29
CA VAL C 477 15.74 13.75 17.61
C VAL C 477 14.29 13.46 17.24
N ALA C 478 13.89 12.22 17.47
CA ALA C 478 12.51 11.82 17.23
C ALA C 478 11.59 12.40 18.30
N GLY C 479 10.32 12.56 17.94
CA GLY C 479 9.33 13.08 18.83
C GLY C 479 7.94 12.97 18.24
N PRO C 480 6.93 13.41 18.99
CA PRO C 480 5.57 13.41 18.45
C PRO C 480 5.51 14.06 17.08
N ASN C 481 5.07 13.28 16.09
CA ASN C 481 4.99 13.72 14.70
C ASN C 481 6.36 14.08 14.14
N CYS C 482 7.41 13.40 14.63
CA CYS C 482 8.77 13.53 14.11
C CYS C 482 9.43 12.17 14.28
N TYR C 483 9.54 11.40 13.19
CA TYR C 483 9.91 10.00 13.32
C TYR C 483 10.96 9.64 12.30
N SER C 484 11.71 8.59 12.60
CA SER C 484 12.83 8.21 11.76
C SER C 484 12.32 7.80 10.39
N PRO C 485 12.76 8.47 9.32
CA PRO C 485 12.20 8.16 8.00
C PRO C 485 12.45 6.73 7.58
N LEU C 486 13.59 6.15 7.94
CA LEU C 486 13.78 4.74 7.66
C LEU C 486 12.80 3.93 8.49
N GLN C 487 12.35 2.81 7.92
CA GLN C 487 11.56 1.85 8.67
C GLN C 487 11.93 0.45 8.24
N SER C 488 11.94 -0.48 9.17
CA SER C 488 12.47 -1.81 8.94
C SER C 488 11.42 -2.74 8.38
N TYR C 489 11.88 -3.65 7.50
CA TYR C 489 11.06 -4.78 7.12
C TYR C 489 10.95 -5.75 8.29
N GLY C 490 9.89 -6.53 8.27
CA GLY C 490 9.83 -7.69 9.13
C GLY C 490 9.79 -8.92 8.26
N PHE C 491 10.85 -9.71 8.27
CA PHE C 491 10.91 -10.91 7.45
C PHE C 491 10.91 -12.12 8.35
N ARG C 492 9.93 -13.01 8.14
CA ARG C 492 9.80 -14.23 8.91
C ARG C 492 9.43 -15.36 7.96
N PRO C 493 9.84 -16.59 8.28
CA PRO C 493 9.55 -17.71 7.37
C PRO C 493 8.06 -17.97 7.18
N THR C 494 7.23 -17.65 8.17
CA THR C 494 5.82 -17.96 8.06
C THR C 494 5.08 -17.05 7.08
N TYR C 495 5.71 -15.96 6.64
CA TYR C 495 5.01 -15.01 5.80
C TYR C 495 4.72 -15.60 4.43
N GLY C 496 3.54 -15.31 3.91
CA GLY C 496 3.12 -15.88 2.65
C GLY C 496 3.81 -15.25 1.46
N VAL C 497 3.61 -15.88 0.31
CA VAL C 497 4.17 -15.35 -0.94
C VAL C 497 3.63 -13.94 -1.17
N GLY C 498 4.47 -13.08 -1.69
CA GLY C 498 4.08 -11.70 -1.91
C GLY C 498 4.44 -10.77 -0.78
N HIS C 499 4.86 -11.29 0.37
CA HIS C 499 5.44 -10.44 1.41
C HIS C 499 6.78 -10.97 1.91
N GLN C 500 7.35 -11.97 1.26
CA GLN C 500 8.68 -12.48 1.56
C GLN C 500 9.73 -11.67 0.82
N PRO C 501 10.97 -11.71 1.25
CA PRO C 501 12.01 -10.94 0.56
C PRO C 501 12.38 -11.50 -0.80
N TYR C 502 12.01 -10.79 -1.87
CA TYR C 502 12.61 -11.06 -3.17
C TYR C 502 13.90 -10.29 -3.32
N ARG C 503 14.93 -10.98 -3.82
CA ARG C 503 16.19 -10.36 -4.14
C ARG C 503 16.13 -9.88 -5.57
N VAL C 504 16.41 -8.60 -5.77
CA VAL C 504 16.29 -7.95 -7.07
C VAL C 504 17.66 -7.47 -7.48
N VAL C 505 18.02 -7.66 -8.75
CA VAL C 505 19.21 -7.03 -9.31
C VAL C 505 18.84 -6.38 -10.63
N VAL C 506 19.45 -5.23 -10.89
CA VAL C 506 19.17 -4.43 -12.06
C VAL C 506 20.47 -4.22 -12.80
N LEU C 507 20.50 -4.56 -14.08
CA LEU C 507 21.66 -4.29 -14.90
C LEU C 507 21.31 -3.13 -15.81
N SER C 508 22.09 -2.05 -15.72
CA SER C 508 21.90 -0.89 -16.57
C SER C 508 22.98 -0.85 -17.62
N PHE C 509 22.59 -0.48 -18.84
CA PHE C 509 23.51 -0.43 -19.97
C PHE C 509 23.66 1.01 -20.45
N GLU C 510 24.65 1.23 -21.30
CA GLU C 510 24.85 2.54 -21.92
C GLU C 510 25.89 2.40 -23.02
N LEU C 511 25.74 3.23 -24.06
CA LEU C 511 26.67 3.23 -25.19
C LEU C 511 27.10 4.65 -25.48
N LEU C 512 28.39 4.85 -25.70
CA LEU C 512 28.94 6.16 -26.06
C LEU C 512 30.21 5.95 -26.88
N HIS C 513 30.99 7.02 -27.02
CA HIS C 513 32.26 6.99 -27.74
C HIS C 513 33.37 6.68 -26.73
N ALA C 514 33.68 5.40 -26.60
CA ALA C 514 34.71 4.92 -25.67
C ALA C 514 35.03 3.48 -26.06
N PRO C 515 36.20 2.96 -25.62
CA PRO C 515 36.53 1.57 -25.94
C PRO C 515 35.48 0.61 -25.40
N ALA C 516 34.74 -0.03 -26.30
CA ALA C 516 33.63 -0.88 -25.92
C ALA C 516 34.10 -2.09 -25.11
N THR C 517 34.83 -2.99 -25.77
CA THR C 517 35.46 -4.15 -25.15
C THR C 517 34.51 -4.98 -24.29
N VAL C 518 33.20 -4.78 -24.45
CA VAL C 518 32.20 -5.60 -23.77
C VAL C 518 31.41 -6.36 -24.82
N CYS C 519 31.86 -7.56 -25.17
CA CYS C 519 31.19 -8.36 -26.19
C CYS C 519 31.13 -9.81 -25.72
N GLY C 520 30.42 -10.63 -26.48
CA GLY C 520 30.26 -12.01 -26.15
C GLY C 520 31.47 -12.83 -26.53
N PRO C 521 31.52 -14.06 -26.02
CA PRO C 521 32.65 -14.95 -26.34
C PRO C 521 32.50 -15.47 -27.76
N LYS C 522 33.60 -15.39 -28.51
CA LYS C 522 33.60 -15.90 -29.88
C LYS C 522 33.34 -17.39 -29.87
N LYS C 523 32.44 -17.84 -30.75
CA LYS C 523 32.17 -19.25 -30.96
C LYS C 523 33.05 -19.73 -32.11
N SER C 524 34.20 -20.30 -31.78
CA SER C 524 35.18 -20.73 -32.76
C SER C 524 35.46 -22.23 -32.60
N THR C 525 36.35 -22.73 -33.45
CA THR C 525 36.75 -24.14 -33.42
C THR C 525 38.28 -24.22 -33.34
N ASN C 526 38.77 -25.14 -32.52
CA ASN C 526 40.20 -25.33 -32.35
C ASN C 526 40.82 -25.95 -33.60
#